data_3QX5
#
_entry.id   3QX5
#
_cell.length_a   70.200
_cell.length_b   71.100
_cell.length_c   72.800
_cell.angle_alpha   90.00
_cell.angle_beta   100.60
_cell.angle_gamma   90.00
#
_symmetry.space_group_name_H-M   'C 1 2 1'
#
loop_
_entity.id
_entity.type
_entity.pdbx_description
1 polymer 'Thrombin light chain'
2 polymer 'Thrombin heavy chain'
3 polymer 'Hirudin variant-2'
4 non-polymer 2-acetamido-2-deoxy-beta-D-glucopyranose
5 non-polymer 'SODIUM ION'
6 non-polymer 'PHOSPHATE ION'
7 non-polymer GLYCEROL
8 non-polymer D-phenylalanyl-N-[(4-chloro-1-methylpyridinium-2-yl)methyl]-L-prolinamide
9 water water
#
loop_
_entity_poly.entity_id
_entity_poly.type
_entity_poly.pdbx_seq_one_letter_code
_entity_poly.pdbx_strand_id
1 'polypeptide(L)' TFGSGEADCGLRPLFEKKSLEDKTERELLESYIDGR L
2 'polypeptide(L)'
;IVEGSDAEIGMSPWQVMLFRKSPQELLCGASLISDRWVLTAAHCLLYPPWDKNFTENDLLVRIGKHSRTRYERNIEKISM
LEKIYIHPRYNWRENLDRDIALMKLKKPVAFSDYIHPVCLPDRETAASLLQAGYKGRVTGWGNLKETWTANVGKGQPSVL
QVVNLPIVERPVCKDSTRIRITDNMFCAGYKPDEGKRGDACEGDSGGPFVMKSPFNNRWYQMGIVSWGEGCDRDGKYGFY
THVFRLKKWIQKVIDQFGE
;
H
3 'polypeptide(L)' NGDFEEIPEE(TYS)LQ I
#
loop_
_chem_comp.id
_chem_comp.type
_chem_comp.name
_chem_comp.formula
02P peptide-like D-phenylalanyl-N-[(4-chloro-1-methylpyridinium-2-yl)methyl]-L-prolinamide 'C21 H26 Cl N4 O2 1'
GOL non-polymer GLYCEROL 'C3 H8 O3'
NA non-polymer 'SODIUM ION' 'Na 1'
NAG D-saccharide, beta linking 2-acetamido-2-deoxy-beta-D-glucopyranose 'C8 H15 N O6'
PO4 non-polymer 'PHOSPHATE ION' 'O4 P -3'
#
# COMPACT_ATOMS: atom_id res chain seq x y z
N GLU A 6 -6.27 -3.40 16.14
CA GLU A 6 -7.66 -3.82 16.36
C GLU A 6 -7.76 -5.34 16.39
N ALA A 7 -8.56 -5.84 17.33
CA ALA A 7 -8.74 -7.27 17.50
C ALA A 7 -9.27 -7.92 16.23
N ASP A 8 -9.92 -7.11 15.39
CA ASP A 8 -10.60 -7.59 14.19
C ASP A 8 -9.81 -7.26 12.92
N CYS A 9 -8.59 -6.77 13.06
CA CYS A 9 -7.83 -6.36 11.89
C CYS A 9 -7.65 -7.51 10.90
N GLY A 10 -7.59 -7.16 9.62
CA GLY A 10 -7.20 -8.12 8.60
C GLY A 10 -8.23 -9.18 8.25
N LEU A 11 -9.46 -9.03 8.77
CA LEU A 11 -10.55 -9.95 8.45
C LEU A 11 -11.57 -9.15 7.68
N ARG A 12 -11.71 -9.44 6.40
CA ARG A 12 -12.56 -8.62 5.54
C ARG A 12 -14.05 -8.94 5.69
N PRO A 13 -14.89 -7.91 5.87
CA PRO A 13 -16.33 -8.14 6.01
C PRO A 13 -16.93 -8.99 4.88
N LEU A 14 -16.49 -8.81 3.64
CA LEU A 14 -17.14 -9.52 2.55
C LEU A 14 -16.45 -10.82 2.18
N PHE A 15 -15.40 -11.17 2.92
CA PHE A 15 -14.65 -12.40 2.68
C PHE A 15 -14.50 -13.22 3.95
N GLU A 16 -13.43 -13.01 4.70
CA GLU A 16 -13.20 -13.83 5.88
C GLU A 16 -14.38 -13.84 6.83
N LYS A 17 -15.02 -12.69 7.05
CA LYS A 17 -16.11 -12.58 8.01
CA LYS A 17 -16.09 -12.64 8.04
C LYS A 17 -17.31 -13.47 7.65
N LYS A 18 -17.46 -13.76 6.36
CA LYS A 18 -18.57 -14.60 5.92
C LYS A 18 -18.09 -15.93 5.31
N SER A 19 -16.82 -16.27 5.57
CA SER A 19 -16.18 -17.47 5.02
C SER A 19 -16.32 -17.60 3.50
N LEU A 20 -16.10 -16.49 2.80
CA LEU A 20 -15.97 -16.50 1.35
C LEU A 20 -14.54 -16.17 0.97
N GLU A 21 -14.05 -16.80 -0.09
CA GLU A 21 -12.69 -16.56 -0.55
C GLU A 21 -12.70 -15.72 -1.81
N ASP A 22 -11.70 -14.87 -1.96
CA ASP A 22 -11.57 -14.12 -3.20
C ASP A 22 -10.95 -14.99 -4.29
N LYS A 23 -10.93 -14.49 -5.51
CA LYS A 23 -10.58 -15.33 -6.66
C LYS A 23 -9.12 -15.73 -6.74
N THR A 24 -8.22 -15.06 -6.03
CA THR A 24 -6.81 -15.40 -6.18
C THR A 24 -6.06 -15.62 -4.87
N GLU A 25 -6.74 -15.59 -3.73
CA GLU A 25 -6.02 -15.78 -2.48
C GLU A 25 -5.39 -17.17 -2.39
N ARG A 26 -5.97 -18.14 -3.08
CA ARG A 26 -5.39 -19.48 -3.11
C ARG A 26 -3.96 -19.48 -3.69
N GLU A 27 -3.71 -18.61 -4.67
CA GLU A 27 -2.37 -18.48 -5.23
C GLU A 27 -1.37 -18.09 -4.15
N LEU A 28 -1.77 -17.21 -3.24
CA LEU A 28 -0.90 -16.85 -2.13
C LEU A 28 -0.67 -18.06 -1.24
N LEU A 29 -1.75 -18.73 -0.85
CA LEU A 29 -1.63 -19.86 0.05
C LEU A 29 -0.69 -20.93 -0.51
N GLU A 30 -0.82 -21.20 -1.82
CA GLU A 30 0.00 -22.23 -2.45
C GLU A 30 1.49 -21.89 -2.42
N SER A 31 1.82 -20.60 -2.34
CA SER A 31 3.21 -20.17 -2.28
C SER A 31 3.80 -20.29 -0.88
N TYR A 32 2.95 -20.46 0.13
CA TYR A 32 3.42 -20.49 1.53
C TYR A 32 3.77 -21.93 1.87
N ILE A 33 4.98 -22.34 1.52
CA ILE A 33 5.32 -23.75 1.57
C ILE A 33 5.93 -24.13 2.91
N ILE B 1 -0.93 -0.15 -11.41
CA ILE B 1 -0.56 -1.56 -11.38
C ILE B 1 -0.48 -2.08 -12.81
N VAL B 2 0.66 -2.64 -13.17
CA VAL B 2 0.87 -3.18 -14.51
C VAL B 2 0.61 -4.68 -14.49
N GLU B 3 -0.17 -5.15 -15.45
CA GLU B 3 -0.43 -6.57 -15.62
C GLU B 3 -1.17 -7.20 -14.44
N GLY B 4 -2.01 -6.41 -13.79
CA GLY B 4 -2.89 -6.91 -12.75
C GLY B 4 -4.31 -7.09 -13.27
N SER B 5 -5.27 -7.12 -12.36
CA SER B 5 -6.66 -7.28 -12.73
C SER B 5 -7.55 -6.42 -11.84
N ASP B 6 -8.81 -6.28 -12.22
CA ASP B 6 -9.76 -5.54 -11.40
C ASP B 6 -9.93 -6.22 -10.05
N ALA B 7 -9.88 -5.44 -8.98
CA ALA B 7 -10.19 -5.95 -7.65
C ALA B 7 -11.66 -6.36 -7.57
N GLU B 8 -11.96 -7.33 -6.72
CA GLU B 8 -13.33 -7.63 -6.36
C GLU B 8 -13.84 -6.60 -5.36
N ILE B 9 -15.15 -6.42 -5.29
CA ILE B 9 -15.73 -5.51 -4.31
C ILE B 9 -15.36 -5.96 -2.89
N GLY B 10 -14.83 -5.04 -2.09
CA GLY B 10 -14.47 -5.32 -0.71
C GLY B 10 -13.22 -6.18 -0.55
N MET B 11 -12.47 -6.37 -1.63
CA MET B 11 -11.28 -7.22 -1.61
C MET B 11 -10.12 -6.65 -0.78
N SER B 12 -10.05 -5.32 -0.75
CA SER B 12 -8.97 -4.62 -0.09
CA SER B 12 -8.97 -4.62 -0.06
C SER B 12 -9.56 -3.44 0.70
N PRO B 13 -10.30 -3.73 1.78
CA PRO B 13 -11.08 -2.68 2.43
C PRO B 13 -10.23 -1.72 3.26
N TRP B 14 -8.94 -2.03 3.36
CA TRP B 14 -7.95 -1.13 3.96
C TRP B 14 -7.32 -0.19 2.96
N GLN B 15 -7.64 -0.32 1.67
CA GLN B 15 -7.03 0.54 0.68
CA GLN B 15 -7.09 0.54 0.63
C GLN B 15 -7.48 1.99 0.86
N VAL B 16 -6.52 2.90 0.80
CA VAL B 16 -6.81 4.32 0.92
C VAL B 16 -6.25 5.03 -0.29
N MET B 17 -7.01 6.00 -0.80
CA MET B 17 -6.53 6.89 -1.84
C MET B 17 -6.13 8.22 -1.22
N LEU B 18 -4.89 8.64 -1.44
CA LEU B 18 -4.49 9.98 -1.07
CA LEU B 18 -4.46 9.98 -1.07
C LEU B 18 -4.82 10.88 -2.23
N PHE B 19 -5.60 11.92 -1.96
CA PHE B 19 -6.19 12.74 -3.00
C PHE B 19 -5.77 14.19 -2.85
N ARG B 20 -5.24 14.77 -3.92
CA ARG B 20 -4.82 16.16 -3.89
C ARG B 20 -6.04 17.05 -4.03
N LYS B 21 -6.12 18.10 -3.23
CA LYS B 21 -7.29 18.97 -3.24
C LYS B 21 -7.33 19.87 -4.47
N SER B 22 -6.16 20.38 -4.87
CA SER B 22 -6.08 21.27 -6.02
C SER B 22 -4.68 21.26 -6.63
N PRO B 23 -4.59 20.82 -7.90
CA PRO B 23 -5.72 20.29 -8.67
C PRO B 23 -6.18 18.94 -8.12
N GLN B 24 -7.45 18.61 -8.33
CA GLN B 24 -7.99 17.34 -7.86
C GLN B 24 -7.39 16.19 -8.66
N GLU B 25 -6.58 15.37 -7.99
CA GLU B 25 -5.93 14.25 -8.65
C GLU B 25 -5.46 13.21 -7.65
N LEU B 26 -5.21 12.01 -8.16
CA LEU B 26 -4.61 10.96 -7.34
C LEU B 26 -3.19 11.33 -6.96
N LEU B 27 -2.89 11.25 -5.67
CA LEU B 27 -1.53 11.51 -5.21
CA LEU B 27 -1.55 11.53 -5.16
C LEU B 27 -0.76 10.24 -4.92
N CYS B 28 -1.43 9.24 -4.35
CA CYS B 28 -0.75 8.03 -3.92
C CYS B 28 -1.77 7.07 -3.37
N GLY B 29 -1.33 5.85 -3.11
CA GLY B 29 -2.06 4.92 -2.29
C GLY B 29 -1.64 5.04 -0.83
N ALA B 30 -2.33 4.30 0.02
CA ALA B 30 -2.11 4.31 1.45
C ALA B 30 -2.94 3.17 2.02
N SER B 31 -2.88 2.95 3.34
CA SER B 31 -3.66 1.88 3.94
C SER B 31 -4.21 2.28 5.30
N LEU B 32 -5.35 1.71 5.65
CA LEU B 32 -5.99 1.97 6.92
C LEU B 32 -5.51 0.99 7.98
N ILE B 33 -4.91 1.48 9.05
CA ILE B 33 -4.41 0.58 10.09
C ILE B 33 -5.18 0.67 11.42
N SER B 34 -6.06 1.67 11.53
CA SER B 34 -7.00 1.78 12.66
C SER B 34 -8.03 2.80 12.24
N ASP B 35 -8.97 3.12 13.13
CA ASP B 35 -9.99 4.09 12.76
C ASP B 35 -9.48 5.53 12.61
N ARG B 36 -8.23 5.78 12.99
CA ARG B 36 -7.68 7.14 13.01
CA ARG B 36 -7.70 7.15 12.97
C ARG B 36 -6.32 7.27 12.32
N TRP B 37 -5.73 6.13 11.94
CA TRP B 37 -4.38 6.16 11.39
C TRP B 37 -4.26 5.53 10.01
N VAL B 38 -3.55 6.21 9.13
CA VAL B 38 -3.31 5.76 7.76
C VAL B 38 -1.81 5.71 7.51
N LEU B 39 -1.37 4.62 6.89
CA LEU B 39 0.04 4.37 6.60
C LEU B 39 0.31 4.60 5.12
N THR B 40 1.43 5.25 4.80
CA THR B 40 1.79 5.46 3.39
C THR B 40 3.31 5.54 3.25
N ALA B 41 3.78 5.82 2.04
CA ALA B 41 5.21 6.03 1.81
C ALA B 41 5.56 7.49 2.09
N ALA B 42 6.72 7.72 2.70
CA ALA B 42 7.19 9.08 2.91
C ALA B 42 7.29 9.87 1.59
N HIS B 43 7.71 9.22 0.51
CA HIS B 43 7.91 9.95 -0.75
C HIS B 43 6.60 10.46 -1.36
N CYS B 44 5.47 9.94 -0.87
CA CYS B 44 4.16 10.46 -1.26
C CYS B 44 3.92 11.87 -0.75
N LEU B 45 4.59 12.20 0.36
CA LEU B 45 4.40 13.48 1.03
C LEU B 45 5.60 14.40 0.89
N LEU B 46 6.80 13.82 0.83
CA LEU B 46 8.03 14.59 0.84
C LEU B 46 9.02 14.01 -0.16
N TYR B 47 9.30 14.75 -1.23
CA TYR B 47 10.30 14.33 -2.19
C TYR B 47 10.88 15.56 -2.89
N PRO B 48 11.86 16.19 -2.25
CA PRO B 48 12.40 17.45 -2.76
C PRO B 48 12.92 17.43 -4.21
N PRO B 49 13.48 16.30 -4.70
CA PRO B 49 13.94 16.35 -6.09
C PRO B 49 12.80 16.64 -7.08
N TRP B 50 11.56 16.38 -6.70
CA TRP B 50 10.40 16.66 -7.54
C TRP B 50 9.55 17.80 -6.99
N ASP B 51 10.14 18.59 -6.09
CA ASP B 51 9.46 19.75 -5.51
C ASP B 51 8.18 19.34 -4.78
N LYS B 52 8.19 18.16 -4.17
CA LYS B 52 7.04 17.68 -3.43
CA LYS B 52 7.04 17.68 -3.43
C LYS B 52 7.25 17.84 -1.93
N ASN B 53 6.34 18.59 -1.30
CA ASN B 53 6.36 18.77 0.13
C ASN B 53 4.99 19.17 0.58
N PHE B 54 4.13 18.17 0.76
CA PHE B 54 2.74 18.43 1.08
C PHE B 54 2.53 18.72 2.56
N THR B 55 1.58 19.58 2.84
CA THR B 55 1.14 19.84 4.20
C THR B 55 -0.24 19.18 4.39
N GLU B 56 -0.68 19.07 5.63
CA GLU B 56 -1.95 18.41 5.93
C GLU B 56 -3.12 18.97 5.11
N ASN B 57 -3.16 20.29 4.95
CA ASN B 57 -4.31 20.91 4.30
C ASN B 57 -4.35 20.74 2.79
N ASP B 58 -3.27 20.19 2.22
CA ASP B 58 -3.19 20.01 0.78
C ASP B 58 -3.94 18.76 0.33
N LEU B 59 -4.25 17.87 1.27
CA LEU B 59 -4.62 16.50 0.94
C LEU B 59 -5.90 16.05 1.60
N LEU B 60 -6.53 15.04 1.01
CA LEU B 60 -7.63 14.33 1.61
C LEU B 60 -7.35 12.85 1.50
N VAL B 61 -7.95 12.07 2.40
CA VAL B 61 -7.90 10.62 2.25
CA VAL B 61 -7.91 10.62 2.33
C VAL B 61 -9.30 10.11 1.93
N ARG B 62 -9.36 9.22 0.95
CA ARG B 62 -10.62 8.65 0.51
C ARG B 62 -10.56 7.15 0.75
N ILE B 63 -11.51 6.66 1.55
CA ILE B 63 -11.47 5.30 2.05
C ILE B 63 -12.73 4.56 1.60
N GLY B 64 -12.60 3.27 1.33
CA GLY B 64 -13.73 2.48 0.88
C GLY B 64 -13.96 2.53 -0.62
N LYS B 65 -12.98 3.01 -1.38
CA LYS B 65 -13.17 3.20 -2.81
C LYS B 65 -12.92 1.96 -3.65
N HIS B 66 -13.53 1.98 -4.84
CA HIS B 66 -13.32 0.95 -5.84
C HIS B 66 -13.04 1.65 -7.17
N SER B 67 -14.01 2.42 -7.65
CA SER B 67 -13.78 3.25 -8.83
C SER B 67 -12.68 4.26 -8.56
N ARG B 68 -11.80 4.48 -9.54
CA ARG B 68 -10.75 5.49 -9.40
C ARG B 68 -11.31 6.90 -9.36
N THR B 69 -12.14 7.25 -10.33
CA THR B 69 -12.51 8.66 -10.55
C THR B 69 -13.87 9.07 -10.02
N ARG B 70 -14.75 8.10 -9.79
N ARG B 70 -14.77 8.12 -9.80
CA ARG B 70 -16.12 8.38 -9.34
CA ARG B 70 -16.13 8.47 -9.42
C ARG B 70 -16.14 8.84 -7.89
C ARG B 70 -16.26 8.73 -7.92
N TYR B 71 -17.12 9.69 -7.57
CA TYR B 71 -17.45 9.93 -6.17
C TYR B 71 -18.45 8.84 -5.77
N GLU B 72 -18.00 7.89 -4.96
CA GLU B 72 -18.78 6.70 -4.66
C GLU B 72 -19.71 6.93 -3.49
N ARG B 73 -20.75 7.68 -3.81
CA ARG B 73 -21.77 8.09 -2.87
C ARG B 73 -22.30 6.92 -2.03
N ASN B 74 -22.36 7.13 -0.72
CA ASN B 74 -22.88 6.15 0.22
C ASN B 74 -21.93 4.96 0.49
N ILE B 75 -20.74 5.01 -0.08
CA ILE B 75 -19.78 3.92 0.06
C ILE B 75 -18.46 4.44 0.56
N GLU B 76 -17.83 5.33 -0.20
CA GLU B 76 -16.56 5.89 0.23
C GLU B 76 -16.76 6.92 1.33
N LYS B 77 -15.72 7.11 2.14
CA LYS B 77 -15.71 8.14 3.16
C LYS B 77 -14.46 8.98 2.96
N ILE B 78 -14.63 10.29 3.09
CA ILE B 78 -13.53 11.23 2.89
C ILE B 78 -13.14 11.88 4.20
N SER B 79 -11.85 11.83 4.51
CA SER B 79 -11.33 12.29 5.79
C SER B 79 -10.28 13.37 5.61
N MET B 80 -10.27 14.34 6.50
CA MET B 80 -9.23 15.37 6.52
C MET B 80 -8.09 14.91 7.42
N LEU B 81 -6.90 15.45 7.15
CA LEU B 81 -5.71 15.08 7.92
C LEU B 81 -5.49 16.01 9.10
N GLU B 82 -5.28 15.43 10.28
CA GLU B 82 -4.88 16.19 11.44
C GLU B 82 -3.38 16.47 11.44
N LYS B 83 -2.59 15.43 11.16
CA LYS B 83 -1.14 15.58 11.23
C LYS B 83 -0.43 14.49 10.43
N ILE B 84 0.64 14.88 9.75
CA ILE B 84 1.54 13.98 9.04
C ILE B 84 2.80 13.75 9.87
N TYR B 85 3.25 12.50 9.90
CA TYR B 85 4.50 12.11 10.56
C TYR B 85 5.37 11.33 9.59
N ILE B 86 6.53 11.88 9.27
CA ILE B 86 7.46 11.22 8.36
C ILE B 86 8.60 10.64 9.18
N HIS B 87 9.06 9.45 8.80
CA HIS B 87 10.18 8.87 9.54
C HIS B 87 11.34 9.86 9.58
N PRO B 88 11.93 10.08 10.78
CA PRO B 88 12.98 11.09 10.88
C PRO B 88 14.25 10.72 10.13
N ARG B 89 14.42 9.45 9.78
CA ARG B 89 15.61 9.04 9.03
C ARG B 89 15.26 8.60 7.60
N TYR B 90 14.10 9.02 7.12
CA TYR B 90 13.74 8.82 5.71
C TYR B 90 14.81 9.45 4.81
N ASN B 91 15.35 8.63 3.91
CA ASN B 91 16.43 9.06 3.04
C ASN B 91 15.93 9.36 1.64
N TRP B 92 15.45 10.58 1.44
CA TRP B 92 14.99 11.02 0.13
C TRP B 92 16.14 11.40 -0.78
N ARG B 93 17.33 11.59 -0.20
CA ARG B 93 18.48 12.05 -0.97
CA ARG B 93 18.48 12.04 -0.98
C ARG B 93 19.05 10.96 -1.87
N GLU B 94 19.02 9.72 -1.39
CA GLU B 94 19.73 8.64 -2.06
C GLU B 94 18.84 7.51 -2.60
N ASN B 95 18.23 6.76 -1.69
CA ASN B 95 17.66 5.47 -2.06
C ASN B 95 16.29 5.19 -1.44
N LEU B 96 15.64 6.21 -0.90
CA LEU B 96 14.33 6.05 -0.25
C LEU B 96 14.38 5.08 0.94
N ASP B 97 15.53 4.98 1.59
CA ASP B 97 15.58 4.18 2.82
C ASP B 97 14.57 4.71 3.84
N ARG B 98 13.87 3.79 4.50
CA ARG B 98 12.88 4.13 5.53
C ARG B 98 11.75 4.99 4.95
N ASP B 99 11.21 4.51 3.82
CA ASP B 99 10.18 5.22 3.06
C ASP B 99 8.82 4.97 3.69
N ILE B 100 8.54 5.68 4.77
CA ILE B 100 7.34 5.40 5.57
C ILE B 100 6.84 6.69 6.24
N ALA B 101 5.52 6.83 6.27
CA ALA B 101 4.89 7.98 6.91
C ALA B 101 3.54 7.55 7.46
N LEU B 102 3.12 8.24 8.51
CA LEU B 102 1.80 8.04 9.09
C LEU B 102 0.98 9.32 8.95
N MET B 103 -0.33 9.16 8.81
CA MET B 103 -1.23 10.31 8.79
C MET B 103 -2.33 10.05 9.81
N LYS B 104 -2.51 10.98 10.74
CA LYS B 104 -3.60 10.90 11.70
C LYS B 104 -4.81 11.66 11.16
N LEU B 105 -5.97 11.01 11.18
CA LEU B 105 -7.19 11.63 10.69
C LEU B 105 -7.80 12.57 11.72
N LYS B 106 -8.49 13.61 11.26
CA LYS B 106 -9.12 14.55 12.18
C LYS B 106 -10.21 13.89 13.02
N LYS B 107 -10.92 12.95 12.42
CA LYS B 107 -11.99 12.22 13.11
C LYS B 107 -11.91 10.75 12.74
N PRO B 108 -12.36 9.87 13.65
CA PRO B 108 -12.32 8.44 13.31
C PRO B 108 -13.26 8.10 12.15
N VAL B 109 -12.84 7.18 11.28
CA VAL B 109 -13.68 6.71 10.19
C VAL B 109 -14.53 5.53 10.67
N ALA B 110 -15.78 5.48 10.21
CA ALA B 110 -16.65 4.36 10.55
C ALA B 110 -16.33 3.16 9.65
N PHE B 111 -16.10 1.99 10.26
CA PHE B 111 -15.88 0.79 9.47
C PHE B 111 -17.19 0.33 8.82
N SER B 112 -17.07 -0.41 7.73
CA SER B 112 -18.22 -0.89 6.97
C SER B 112 -17.81 -2.12 6.18
N ASP B 113 -18.68 -2.60 5.30
CA ASP B 113 -18.30 -3.71 4.43
C ASP B 113 -17.11 -3.35 3.55
N TYR B 114 -16.91 -2.05 3.32
CA TYR B 114 -15.91 -1.56 2.36
C TYR B 114 -14.70 -0.89 3.00
N ILE B 115 -14.75 -0.73 4.33
CA ILE B 115 -13.76 0.01 5.08
C ILE B 115 -13.39 -0.79 6.31
N HIS B 116 -12.15 -1.25 6.39
CA HIS B 116 -11.73 -2.12 7.47
C HIS B 116 -10.21 -2.14 7.53
N PRO B 117 -9.64 -2.11 8.74
CA PRO B 117 -8.17 -2.02 8.85
C PRO B 117 -7.44 -3.32 8.59
N VAL B 118 -6.21 -3.19 8.06
CA VAL B 118 -5.31 -4.31 7.88
C VAL B 118 -4.46 -4.48 9.15
N CYS B 119 -3.97 -5.69 9.42
CA CYS B 119 -3.06 -5.89 10.55
C CYS B 119 -1.63 -5.50 10.19
N LEU B 120 -0.87 -5.06 11.20
CA LEU B 120 0.58 -4.94 11.03
C LEU B 120 1.25 -6.17 11.61
N PRO B 121 2.30 -6.65 10.94
CA PRO B 121 2.97 -7.88 11.39
C PRO B 121 3.72 -7.71 12.70
N ASP B 122 3.78 -8.78 13.48
CA ASP B 122 4.77 -8.80 14.55
C ASP B 122 5.99 -9.60 14.09
N ARG B 123 6.98 -9.77 14.96
CA ARG B 123 8.24 -10.36 14.55
C ARG B 123 8.04 -11.76 14.00
N GLU B 124 7.18 -12.53 14.64
CA GLU B 124 6.93 -13.91 14.23
C GLU B 124 6.25 -14.01 12.86
N THR B 125 5.29 -13.14 12.61
CA THR B 125 4.60 -13.04 11.32
CA THR B 125 4.63 -13.21 11.33
C THR B 125 5.60 -12.81 10.21
N ALA B 126 6.44 -11.82 10.46
CA ALA B 126 7.41 -11.41 9.45
C ALA B 126 8.42 -12.52 9.17
N ALA B 127 8.89 -13.18 10.22
CA ALA B 127 9.85 -14.25 10.06
C ALA B 127 9.24 -15.37 9.24
N SER B 128 7.99 -15.70 9.53
CA SER B 128 7.31 -16.80 8.86
CA SER B 128 7.33 -16.82 8.86
C SER B 128 7.00 -16.53 7.40
N LEU B 129 6.61 -15.28 7.10
CA LEU B 129 6.07 -14.99 5.78
C LEU B 129 7.00 -14.29 4.81
N LEU B 130 7.97 -13.52 5.32
CA LEU B 130 8.82 -12.74 4.43
C LEU B 130 9.99 -13.60 3.96
N GLN B 131 9.66 -14.52 3.04
CA GLN B 131 10.60 -15.50 2.52
C GLN B 131 10.54 -15.50 1.00
N ALA B 132 11.67 -15.69 0.35
CA ALA B 132 11.71 -15.73 -1.10
C ALA B 132 10.74 -16.78 -1.63
N GLY B 133 9.97 -16.40 -2.64
CA GLY B 133 9.00 -17.28 -3.26
C GLY B 133 7.60 -17.12 -2.72
N TYR B 134 7.49 -16.69 -1.46
CA TYR B 134 6.18 -16.45 -0.88
C TYR B 134 5.56 -15.23 -1.56
N LYS B 135 4.28 -15.31 -1.89
CA LYS B 135 3.63 -14.23 -2.62
C LYS B 135 2.84 -13.30 -1.73
N GLY B 136 2.88 -12.02 -2.06
CA GLY B 136 1.99 -11.04 -1.47
C GLY B 136 1.17 -10.38 -2.56
N ARG B 137 0.36 -9.43 -2.15
CA ARG B 137 -0.60 -8.81 -3.04
C ARG B 137 -0.47 -7.30 -2.96
N VAL B 138 -0.41 -6.67 -4.12
CA VAL B 138 -0.27 -5.22 -4.23
C VAL B 138 -1.49 -4.68 -4.93
N THR B 139 -1.99 -3.55 -4.44
CA THR B 139 -3.19 -2.95 -4.98
C THR B 139 -2.99 -1.46 -5.18
N GLY B 140 -3.69 -0.90 -6.17
CA GLY B 140 -3.65 0.53 -6.36
C GLY B 140 -4.37 1.02 -7.59
N TRP B 141 -4.46 2.34 -7.71
CA TRP B 141 -5.10 2.99 -8.86
C TRP B 141 -4.08 3.64 -9.78
N GLY B 142 -2.82 3.27 -9.65
CA GLY B 142 -1.77 3.85 -10.46
C GLY B 142 -1.78 3.40 -11.90
N ASN B 143 -0.79 3.85 -12.66
CA ASN B 143 -0.74 3.61 -14.09
C ASN B 143 -0.73 2.13 -14.45
N LEU B 144 -1.38 1.82 -15.56
CA LEU B 144 -1.44 0.45 -16.06
C LEU B 144 -0.20 0.10 -16.87
N LYS B 145 0.58 1.11 -17.23
CA LYS B 145 1.80 0.91 -18.03
C LYS B 145 2.81 1.96 -17.66
N GLU B 146 4.09 1.65 -17.85
CA GLU B 146 5.14 2.61 -17.53
C GLU B 146 4.98 3.89 -18.34
N THR B 147 4.62 3.75 -19.61
CA THR B 147 4.40 4.92 -20.47
C THR B 147 3.23 4.68 -21.41
N GLY B 155 -4.21 3.40 -20.12
CA GLY B 155 -3.28 4.20 -19.35
C GLY B 155 -3.58 4.18 -17.85
N GLN B 156 -4.79 4.60 -17.48
CA GLN B 156 -5.19 4.64 -16.08
C GLN B 156 -6.48 3.84 -15.87
N PRO B 157 -6.58 3.13 -14.75
CA PRO B 157 -7.67 2.16 -14.57
C PRO B 157 -9.02 2.76 -14.18
N SER B 158 -10.11 2.09 -14.56
CA SER B 158 -11.43 2.48 -14.11
C SER B 158 -11.63 2.14 -12.64
N VAL B 159 -11.12 0.99 -12.21
CA VAL B 159 -11.28 0.57 -10.83
C VAL B 159 -9.97 0.06 -10.23
N LEU B 160 -9.97 -0.12 -8.91
CA LEU B 160 -8.81 -0.59 -8.19
C LEU B 160 -8.22 -1.84 -8.84
N GLN B 161 -6.90 -1.87 -8.99
CA GLN B 161 -6.22 -3.02 -9.58
C GLN B 161 -5.49 -3.82 -8.52
N VAL B 162 -5.30 -5.11 -8.80
CA VAL B 162 -4.65 -6.03 -7.87
CA VAL B 162 -4.66 -6.04 -7.88
C VAL B 162 -3.68 -6.93 -8.63
N VAL B 163 -2.54 -7.23 -8.00
CA VAL B 163 -1.62 -8.20 -8.56
C VAL B 163 -0.93 -8.96 -7.43
N ASN B 164 -0.74 -10.26 -7.62
CA ASN B 164 -0.01 -11.07 -6.67
C ASN B 164 1.42 -11.28 -7.18
N LEU B 165 2.41 -11.09 -6.31
CA LEU B 165 3.81 -11.15 -6.72
C LEU B 165 4.67 -11.85 -5.69
N PRO B 166 5.66 -12.64 -6.14
CA PRO B 166 6.52 -13.34 -5.20
C PRO B 166 7.66 -12.49 -4.65
N ILE B 167 7.94 -12.65 -3.37
CA ILE B 167 9.13 -12.05 -2.77
C ILE B 167 10.37 -12.65 -3.42
N VAL B 168 11.39 -11.83 -3.61
CA VAL B 168 12.59 -12.25 -4.32
C VAL B 168 13.80 -12.34 -3.37
N GLU B 169 14.69 -13.29 -3.64
CA GLU B 169 15.91 -13.46 -2.87
CA GLU B 169 15.89 -13.44 -2.81
C GLU B 169 16.70 -12.15 -2.80
N ARG B 170 17.22 -11.80 -1.63
CA ARG B 170 17.91 -10.52 -1.49
CA ARG B 170 17.91 -10.52 -1.49
C ARG B 170 19.09 -10.33 -2.47
N PRO B 171 19.92 -11.38 -2.69
CA PRO B 171 21.01 -11.14 -3.63
C PRO B 171 20.51 -10.86 -5.06
N VAL B 172 19.39 -11.45 -5.45
CA VAL B 172 18.80 -11.19 -6.75
C VAL B 172 18.28 -9.74 -6.81
N CYS B 173 17.61 -9.29 -5.75
CA CYS B 173 17.22 -7.89 -5.66
C CYS B 173 18.43 -6.97 -5.84
N LYS B 174 19.50 -7.27 -5.10
CA LYS B 174 20.68 -6.41 -5.12
C LYS B 174 21.30 -6.36 -6.52
N ASP B 175 21.34 -7.52 -7.19
CA ASP B 175 21.98 -7.62 -8.49
C ASP B 175 21.15 -7.04 -9.63
N SER B 176 19.92 -6.62 -9.33
CA SER B 176 19.01 -6.11 -10.35
C SER B 176 19.11 -4.60 -10.53
N THR B 177 19.92 -3.94 -9.70
CA THR B 177 19.91 -2.48 -9.67
C THR B 177 21.28 -1.96 -9.22
N ARG B 178 21.57 -0.70 -9.55
CA ARG B 178 22.76 -0.04 -9.02
C ARG B 178 22.45 0.73 -7.74
N ILE B 179 21.16 0.86 -7.43
CA ILE B 179 20.76 1.57 -6.23
C ILE B 179 21.10 0.75 -5.00
N ARG B 180 21.52 1.42 -3.92
CA ARG B 180 21.89 0.73 -2.70
C ARG B 180 20.65 0.26 -1.95
N ILE B 181 20.50 -1.05 -1.81
CA ILE B 181 19.39 -1.64 -1.09
CA ILE B 181 19.36 -1.55 -1.06
C ILE B 181 19.74 -1.75 0.40
N THR B 182 18.73 -1.65 1.26
CA THR B 182 18.96 -1.79 2.69
C THR B 182 18.03 -2.81 3.31
N ASP B 183 18.29 -3.17 4.57
CA ASP B 183 17.46 -4.10 5.31
C ASP B 183 16.03 -3.55 5.51
N ASN B 184 15.82 -2.27 5.26
CA ASN B 184 14.49 -1.67 5.39
C ASN B 184 13.65 -1.79 4.13
N MET B 185 14.12 -2.58 3.19
CA MET B 185 13.46 -2.81 1.91
C MET B 185 13.42 -4.30 1.64
N PHE B 186 12.42 -4.74 0.87
CA PHE B 186 12.50 -6.02 0.20
C PHE B 186 12.00 -5.84 -1.23
N CYS B 187 12.27 -6.79 -2.12
CA CYS B 187 11.76 -6.66 -3.48
C CYS B 187 10.90 -7.85 -3.85
N ALA B 188 10.04 -7.63 -4.84
CA ALA B 188 9.10 -8.64 -5.28
C ALA B 188 8.84 -8.49 -6.76
N GLY B 189 8.46 -9.59 -7.39
CA GLY B 189 8.18 -9.61 -8.80
C GLY B 189 8.68 -10.89 -9.42
N TYR B 190 8.23 -11.15 -10.63
CA TYR B 190 8.66 -12.33 -11.37
C TYR B 190 9.97 -12.08 -12.11
N LYS B 191 10.74 -13.13 -12.28
CA LYS B 191 11.97 -13.08 -13.06
C LYS B 191 11.61 -13.26 -14.53
N PRO B 192 12.49 -12.83 -15.44
CA PRO B 192 12.21 -13.05 -16.86
C PRO B 192 11.87 -14.51 -17.20
N ASP B 193 12.60 -15.48 -16.64
CA ASP B 193 12.36 -16.87 -16.99
CA ASP B 193 12.38 -16.89 -16.92
C ASP B 193 11.04 -17.42 -16.45
N GLU B 194 10.40 -16.68 -15.55
CA GLU B 194 9.18 -17.15 -14.92
C GLU B 194 7.89 -16.93 -15.71
N GLY B 195 7.98 -16.15 -16.79
CA GLY B 195 6.84 -15.95 -17.67
C GLY B 195 5.83 -14.92 -17.20
N LYS B 196 5.28 -15.13 -16.00
CA LYS B 196 4.27 -14.22 -15.44
C LYS B 196 4.90 -12.86 -15.19
N ARG B 197 4.06 -11.83 -15.08
CA ARG B 197 4.59 -10.52 -14.78
C ARG B 197 3.68 -9.71 -13.88
N GLY B 198 3.97 -8.43 -13.74
CA GLY B 198 3.21 -7.58 -12.84
C GLY B 198 4.12 -6.73 -11.98
N ASP B 199 3.65 -5.53 -11.65
CA ASP B 199 4.44 -4.59 -10.85
C ASP B 199 3.54 -3.45 -10.44
N ALA B 200 3.96 -2.71 -9.44
CA ALA B 200 3.38 -1.41 -9.13
C ALA B 200 3.90 -0.38 -10.11
N CYS B 201 3.28 0.79 -10.14
CA CYS B 201 3.76 1.84 -11.01
C CYS B 201 3.43 3.20 -10.39
N GLU B 202 3.72 4.26 -11.15
CA GLU B 202 3.38 5.62 -10.73
C GLU B 202 1.93 5.70 -10.27
N GLY B 203 1.70 6.25 -9.08
CA GLY B 203 0.36 6.35 -8.53
C GLY B 203 0.04 5.26 -7.53
N ASP B 204 0.77 4.15 -7.59
CA ASP B 204 0.58 3.05 -6.62
C ASP B 204 1.41 3.25 -5.37
N SER B 205 2.41 4.13 -5.46
CA SER B 205 3.25 4.51 -4.32
C SER B 205 2.44 4.65 -3.05
N GLY B 206 2.97 4.11 -1.95
CA GLY B 206 2.32 4.28 -0.66
C GLY B 206 1.28 3.23 -0.34
N GLY B 207 0.82 2.50 -1.35
CA GLY B 207 -0.13 1.42 -1.14
C GLY B 207 0.48 0.20 -0.49
N PRO B 208 -0.38 -0.76 -0.12
CA PRO B 208 0.08 -1.89 0.69
C PRO B 208 0.48 -3.12 -0.13
N PHE B 209 1.50 -3.83 0.37
CA PHE B 209 1.85 -5.17 -0.04
C PHE B 209 1.39 -6.05 1.11
N VAL B 210 0.37 -6.88 0.87
CA VAL B 210 -0.23 -7.66 1.95
C VAL B 210 -0.05 -9.16 1.74
N MET B 211 -0.11 -9.92 2.84
CA MET B 211 -0.02 -11.37 2.79
C MET B 211 -1.09 -11.92 3.73
N LYS B 212 -1.69 -13.05 3.37
CA LYS B 212 -2.71 -13.64 4.21
C LYS B 212 -2.08 -14.76 5.04
N SER B 213 -1.95 -14.57 6.35
CA SER B 213 -1.30 -15.58 7.15
C SER B 213 -2.06 -16.89 7.09
N PRO B 214 -1.36 -18.00 6.79
CA PRO B 214 -2.03 -19.30 6.77
C PRO B 214 -2.21 -19.85 8.19
N PHE B 215 -1.64 -19.17 9.17
CA PHE B 215 -1.75 -19.57 10.57
C PHE B 215 -3.03 -19.07 11.21
N ASN B 216 -3.44 -17.85 10.92
CA ASN B 216 -4.64 -17.30 11.55
C ASN B 216 -5.62 -16.69 10.56
N ASN B 217 -5.34 -16.83 9.27
CA ASN B 217 -6.24 -16.40 8.20
C ASN B 217 -6.54 -14.90 8.22
N ARG B 218 -5.58 -14.12 8.70
CA ARG B 218 -5.70 -12.66 8.70
C ARG B 218 -4.73 -12.05 7.71
N TRP B 219 -5.13 -10.93 7.14
CA TRP B 219 -4.25 -10.16 6.26
C TRP B 219 -3.33 -9.22 7.03
N TYR B 220 -2.05 -9.27 6.66
CA TYR B 220 -1.01 -8.43 7.23
C TYR B 220 -0.35 -7.58 6.17
N GLN B 221 -0.10 -6.32 6.50
CA GLN B 221 0.66 -5.46 5.60
C GLN B 221 2.14 -5.60 5.85
N MET B 222 2.83 -6.29 4.95
CA MET B 222 4.26 -6.54 5.09
C MET B 222 5.11 -5.44 4.44
N GLY B 223 4.55 -4.76 3.43
CA GLY B 223 5.31 -3.79 2.68
C GLY B 223 4.49 -2.57 2.30
N ILE B 224 5.20 -1.53 1.87
CA ILE B 224 4.61 -0.33 1.30
C ILE B 224 5.25 -0.13 -0.07
N VAL B 225 4.43 0.10 -1.09
CA VAL B 225 4.94 0.36 -2.42
C VAL B 225 5.91 1.54 -2.38
N SER B 226 7.17 1.31 -2.74
CA SER B 226 8.21 2.31 -2.59
C SER B 226 8.85 2.75 -3.91
N TRP B 227 9.58 1.86 -4.59
CA TRP B 227 10.32 2.29 -5.76
C TRP B 227 10.61 1.18 -6.75
N GLY B 228 10.89 1.58 -7.98
CA GLY B 228 11.28 0.64 -9.00
C GLY B 228 11.84 1.42 -10.17
N GLU B 229 12.71 0.78 -10.94
CA GLU B 229 13.25 1.40 -12.13
C GLU B 229 12.33 1.08 -13.30
N GLY B 230 11.48 2.05 -13.63
CA GLY B 230 10.38 1.82 -14.56
C GLY B 230 9.29 1.01 -13.88
N CYS B 231 8.44 0.39 -14.68
CA CYS B 231 7.36 -0.45 -14.16
C CYS B 231 7.29 -1.72 -14.99
N ASP B 232 7.34 -2.86 -14.31
CA ASP B 232 7.22 -4.16 -14.96
C ASP B 232 8.29 -4.40 -16.01
N ARG B 233 9.50 -3.87 -15.81
CA ARG B 233 10.57 -4.13 -16.76
C ARG B 233 11.20 -5.49 -16.51
N ASP B 234 11.52 -6.20 -17.58
CA ASP B 234 12.26 -7.46 -17.44
C ASP B 234 13.56 -7.23 -16.71
N GLY B 235 13.81 -8.04 -15.69
CA GLY B 235 15.06 -7.97 -14.95
C GLY B 235 15.08 -6.96 -13.83
N LYS B 236 14.01 -6.18 -13.71
CA LYS B 236 13.85 -5.26 -12.59
C LYS B 236 12.81 -5.83 -11.64
N TYR B 237 12.76 -5.28 -10.42
CA TYR B 237 11.79 -5.70 -9.42
C TYR B 237 11.23 -4.47 -8.74
N GLY B 238 10.07 -4.62 -8.12
CA GLY B 238 9.56 -3.54 -7.28
C GLY B 238 10.13 -3.66 -5.88
N PHE B 239 10.41 -2.50 -5.28
CA PHE B 239 10.93 -2.43 -3.91
C PHE B 239 9.90 -1.86 -2.96
N TYR B 240 9.84 -2.47 -1.79
CA TYR B 240 8.80 -2.22 -0.81
C TYR B 240 9.43 -1.91 0.54
N THR B 241 8.88 -0.93 1.24
CA THR B 241 9.31 -0.65 2.59
C THR B 241 8.97 -1.82 3.50
N HIS B 242 9.95 -2.26 4.29
CA HIS B 242 9.80 -3.40 5.20
C HIS B 242 9.08 -2.93 6.47
N VAL B 243 7.77 -3.14 6.51
CA VAL B 243 6.95 -2.57 7.58
C VAL B 243 7.38 -3.06 8.96
N PHE B 244 7.63 -4.37 9.10
CA PHE B 244 8.01 -4.84 10.41
C PHE B 244 9.30 -4.20 10.92
N ARG B 245 10.29 -4.02 10.04
CA ARG B 245 11.57 -3.42 10.45
C ARG B 245 11.39 -2.02 11.02
N LEU B 246 10.32 -1.34 10.61
CA LEU B 246 10.08 0.03 11.02
C LEU B 246 8.91 0.13 12.00
N LYS B 247 8.48 -1.01 12.53
CA LYS B 247 7.30 -0.99 13.39
C LYS B 247 7.53 -0.31 14.74
N LYS B 248 8.77 -0.32 15.24
CA LYS B 248 9.04 0.36 16.50
C LYS B 248 8.73 1.85 16.35
N TRP B 249 9.06 2.41 15.19
CA TRP B 249 8.74 3.81 14.92
C TRP B 249 7.24 4.03 14.82
N ILE B 250 6.55 3.17 14.08
CA ILE B 250 5.11 3.27 13.96
C ILE B 250 4.46 3.30 15.34
N GLN B 251 4.85 2.35 16.18
CA GLN B 251 4.29 2.25 17.52
CA GLN B 251 4.30 2.25 17.53
C GLN B 251 4.63 3.47 18.38
N LYS B 252 5.86 3.97 18.24
CA LYS B 252 6.28 5.16 18.98
C LYS B 252 5.38 6.34 18.67
N VAL B 253 5.12 6.55 17.38
CA VAL B 253 4.30 7.67 16.93
C VAL B 253 2.85 7.54 17.40
N ILE B 254 2.26 6.38 17.19
CA ILE B 254 0.88 6.16 17.63
C ILE B 254 0.75 6.27 19.16
N ASP B 255 1.74 5.76 19.90
CA ASP B 255 1.69 5.82 21.35
C ASP B 255 1.80 7.25 21.88
N GLN B 256 2.62 8.06 21.21
CA GLN B 256 2.86 9.43 21.66
C GLN B 256 1.76 10.40 21.25
N PHE B 257 1.25 10.21 20.03
CA PHE B 257 0.33 11.19 19.44
C PHE B 257 -1.10 10.69 19.33
N GLY B 258 -1.31 9.40 19.61
CA GLY B 258 -2.64 8.82 19.53
C GLY B 258 -3.43 9.03 20.81
N ASP C 3 -10.93 14.93 -14.87
CA ASP C 3 -10.95 13.48 -14.91
C ASP C 3 -11.65 12.87 -13.69
N PHE C 4 -11.49 13.50 -12.54
CA PHE C 4 -12.18 13.06 -11.33
C PHE C 4 -13.52 13.75 -11.13
N GLU C 5 -14.52 12.98 -10.73
CA GLU C 5 -15.84 13.53 -10.42
C GLU C 5 -15.71 14.44 -9.20
N GLU C 6 -16.42 15.55 -9.21
CA GLU C 6 -16.38 16.48 -8.09
C GLU C 6 -16.83 15.80 -6.81
N ILE C 7 -16.20 16.14 -5.70
CA ILE C 7 -16.60 15.62 -4.41
C ILE C 7 -17.39 16.69 -3.66
N PRO C 8 -18.27 16.27 -2.75
CA PRO C 8 -19.10 17.24 -2.02
C PRO C 8 -18.26 18.37 -1.41
N GLU C 9 -18.82 19.57 -1.44
CA GLU C 9 -18.12 20.78 -1.01
C GLU C 9 -17.66 20.72 0.45
N GLU C 10 -18.41 19.99 1.27
CA GLU C 10 -18.11 19.91 2.69
C GLU C 10 -16.69 19.42 2.97
N TYS C 11 -16.12 18.65 2.05
CA TYS C 11 -14.79 18.10 2.25
CB TYS C 11 -14.67 16.76 1.53
CG TYS C 11 -15.68 15.76 1.89
CD1 TYS C 11 -15.71 15.28 3.17
CD2 TYS C 11 -16.63 15.33 0.92
CE1 TYS C 11 -16.70 14.32 3.53
CE2 TYS C 11 -17.59 14.39 1.27
CZ TYS C 11 -17.63 13.89 2.57
OH TYS C 11 -18.62 12.93 2.92
S TYS C 11 -18.31 11.48 2.84
O1 TYS C 11 -17.25 11.12 3.87
O2 TYS C 11 -19.52 10.81 3.13
O3 TYS C 11 -17.85 11.10 1.50
C TYS C 11 -13.69 19.00 1.78
O TYS C 11 -12.49 18.67 1.94
N LEU C 12 -14.05 20.14 1.20
CA LEU C 12 -13.06 21.07 0.68
C LEU C 12 -13.05 22.38 1.45
N GLN C 13 -13.82 22.43 2.54
CA GLN C 13 -13.86 23.62 3.39
C GLN C 13 -12.64 23.69 4.28
C1 NAG D . 9.21 20.78 3.82
C2 NAG D . 10.64 21.29 3.97
C3 NAG D . 10.94 21.71 5.35
C4 NAG D . 9.99 22.70 5.79
C5 NAG D . 8.60 22.18 5.72
C6 NAG D . 7.68 23.25 6.05
C7 NAG D . 12.00 19.06 4.15
C8 NAG D . 11.32 18.59 5.38
N2 NAG D . 11.65 20.34 3.49
O3 NAG D . 12.26 22.23 5.43
O4 NAG D . 10.30 23.17 7.10
O5 NAG D . 8.26 21.67 4.35
O6 NAG D . 6.32 23.06 5.81
O7 NAG D . 12.86 18.36 3.65
NA NA E . 23.68 -4.11 -7.65
NA NA F . 10.27 -6.99 -13.61
P PO4 G . 21.01 5.86 5.41
O1 PO4 G . 21.41 4.90 6.51
O2 PO4 G . 20.17 5.19 4.34
O3 PO4 G . 22.21 6.51 4.79
O4 PO4 G . 20.10 6.92 5.99
C1 GOL H . 5.49 9.20 -7.33
O1 GOL H . 5.48 10.54 -7.00
C2 GOL H . 4.22 8.44 -7.15
O2 GOL H . 4.18 7.18 -7.74
C3 GOL H . 2.97 9.24 -7.33
O3 GOL H . 1.83 8.68 -6.80
N10 02P I . 12.39 5.30 -10.40
C8 02P I . 12.74 5.83 -9.09
C9 02P I . 11.55 5.63 -8.20
O12 02P I . 11.01 4.53 -8.13
C7 02P I . 13.96 5.07 -8.59
C4 02P I . 14.53 5.69 -7.34
C3 02P I . 14.62 4.90 -6.20
C5 02P I . 14.96 7.03 -7.30
C26 02P I . 15.13 5.43 -5.02
C6 02P I . 15.48 7.55 -6.12
C1 02P I . 15.57 6.75 -4.98
N11 02P I . 11.07 6.67 -7.52
C13 02P I . 9.89 6.47 -6.68
C17 02P I . 8.74 5.89 -7.49
O28 02P I . 8.47 6.36 -8.59
C15 02P I . 9.56 7.87 -6.16
C16 02P I . 10.84 8.66 -6.33
C14 02P I . 11.58 8.04 -7.50
CL2 02P I . 7.27 -0.85 -6.11
N18 02P I . 8.07 4.87 -6.96
C19 02P I . 6.95 4.21 -7.62
C20 02P I . 7.25 2.77 -7.97
N21 02P I . 7.63 2.43 -9.22
C22 02P I . 7.11 1.78 -7.01
C23 02P I . 7.39 0.45 -7.33
C24 02P I . 7.77 0.13 -8.63
C25 02P I . 7.89 1.16 -9.56
C27 02P I . 7.77 3.47 -10.26
#